data_1H8S
#
_entry.id   1H8S
#
_cell.length_a   58.930
_cell.length_b   89.270
_cell.length_c   94.410
_cell.angle_alpha   90.00
_cell.angle_beta   90.00
_cell.angle_gamma   90.00
#
_symmetry.space_group_name_H-M   'P 21 21 21'
#
loop_
_entity.id
_entity.type
_entity.pdbx_description
1 polymer 'MUTANT AL2 6E7P9G'
2 non-polymer '(2S,5R,6R)-6-{[(2R)-2-AMINO-2-PHENYLETHANOYL]AMINO}-3,3-DIMETHYL-7-OXO-4-THIA-1-AZABICYCLO[3.2.0]HEPTANE-2-CARBOXYLIC ACID'
3 non-polymer 'SULFATE ION'
4 water water
#
_entity_poly.entity_id   1
_entity_poly.type   'polypeptide(L)'
_entity_poly.pdbx_seq_one_letter_code
;DYKDIVLTQSHKFMSTSVGDRVSITCKASQDVGTAVAWYQQKPGQSPKLLIYWASTRHTGVPDRFTGSGSGTDFTLTISN
VQSEDLADYFCQQYSSYPLTFGAGTKLELKRGGGGSGGGGSGGGGSGGGGSQVQLQEPGGELVRPGASVKLSCKASGYTF
TSYWINWVKQRPGQGLEWIGNIYPSDSYTNYNQKFKDKATLTVDKSSSTAYMQLSSLTSEDSAVYFCARWGYWGQGTLVT
VSAASGAHHHHH
;
_entity_poly.pdbx_strand_id   A,B
#
loop_
_chem_comp.id
_chem_comp.type
_chem_comp.name
_chem_comp.formula
AIC non-polymer '(2S,5R,6R)-6-{[(2R)-2-AMINO-2-PHENYLETHANOYL]AMINO}-3,3-DIMETHYL-7-OXO-4-THIA-1-AZABICYCLO[3.2.0]HEPTANE-2-CARBOXYLIC ACID' 'C16 H19 N3 O4 S'
SO4 non-polymer 'SULFATE ION' 'O4 S -2'
#
# COMPACT_ATOMS: atom_id res chain seq x y z
N ASP A 4 22.55 7.99 -2.98
CA ASP A 4 21.75 6.83 -3.53
C ASP A 4 20.33 6.86 -3.00
N ILE A 5 19.41 6.37 -3.81
CA ILE A 5 18.03 6.35 -3.41
C ILE A 5 17.76 5.12 -2.55
N VAL A 6 17.33 5.35 -1.31
CA VAL A 6 16.98 4.28 -0.39
C VAL A 6 15.48 4.01 -0.52
N LEU A 7 15.11 2.74 -0.66
CA LEU A 7 13.73 2.33 -0.75
C LEU A 7 13.38 1.62 0.53
N THR A 8 12.61 2.28 1.38
CA THR A 8 12.21 1.69 2.66
C THR A 8 10.92 0.91 2.51
N GLN A 9 11.03 -0.42 2.55
CA GLN A 9 9.85 -1.29 2.46
C GLN A 9 9.29 -1.46 3.89
N SER A 10 7.92 -1.18 3.97
CA SER A 10 7.13 -1.02 5.25
C SER A 10 7.29 -2.17 6.29
N HIS A 11 7.37 -3.45 5.90
CA HIS A 11 7.58 -4.54 6.90
C HIS A 11 8.42 -5.68 6.33
N LYS A 12 9.30 -6.21 7.18
CA LYS A 12 10.16 -7.32 6.77
C LYS A 12 9.31 -8.58 6.72
N PHE A 13 8.38 -8.69 7.68
CA PHE A 13 7.46 -9.83 7.74
C PHE A 13 6.01 -9.39 7.86
N MET A 14 5.14 -9.96 7.03
CA MET A 14 3.72 -9.63 7.09
C MET A 14 2.91 -10.89 7.18
N SER A 15 2.05 -10.94 8.20
CA SER A 15 1.19 -12.09 8.40
C SER A 15 -0.14 -11.76 7.75
N THR A 16 -0.74 -12.75 7.10
CA THR A 16 -2.02 -12.57 6.44
C THR A 16 -2.74 -13.92 6.41
N SER A 17 -3.90 -13.96 5.78
CA SER A 17 -4.65 -15.20 5.68
C SER A 17 -5.31 -15.25 4.32
N VAL A 18 -5.44 -16.46 3.79
CA VAL A 18 -6.05 -16.67 2.49
C VAL A 18 -7.41 -15.97 2.49
N GLY A 19 -7.57 -15.01 1.60
CA GLY A 19 -8.83 -14.30 1.49
C GLY A 19 -8.74 -12.82 1.87
N ASP A 20 -7.67 -12.44 2.57
CA ASP A 20 -7.53 -11.06 2.98
C ASP A 20 -6.87 -10.17 1.96
N ARG A 21 -6.98 -8.86 2.21
CA ARG A 21 -6.39 -7.84 1.36
C ARG A 21 -5.06 -7.46 2.03
N VAL A 22 -4.02 -7.24 1.23
CA VAL A 22 -2.69 -6.88 1.75
C VAL A 22 -2.12 -5.66 1.06
N SER A 23 -1.34 -4.86 1.77
CA SER A 23 -0.70 -3.70 1.17
C SER A 23 0.76 -3.65 1.57
N ILE A 24 1.64 -3.69 0.56
CA ILE A 24 3.07 -3.63 0.82
C ILE A 24 3.48 -2.31 0.21
N THR A 25 4.22 -1.52 0.97
CA THR A 25 4.59 -0.21 0.51
C THR A 25 6.09 0.02 0.53
N CYS A 26 6.54 0.94 -0.32
CA CYS A 26 7.95 1.32 -0.43
C CYS A 26 8.01 2.84 -0.49
N LYS A 27 8.91 3.43 0.28
CA LYS A 27 9.03 4.88 0.25
C LYS A 27 10.40 5.25 -0.24
N ALA A 28 10.48 5.90 -1.39
CA ALA A 28 11.76 6.30 -1.92
C ALA A 28 12.19 7.56 -1.20
N SER A 29 13.47 7.63 -0.83
CA SER A 29 14.02 8.79 -0.11
C SER A 29 14.16 10.01 -1.03
N GLN A 30 14.01 9.78 -2.33
CA GLN A 30 14.05 10.87 -3.31
C GLN A 30 12.93 10.53 -4.26
N ASP A 31 12.57 11.50 -5.09
CA ASP A 31 11.49 11.33 -6.04
C ASP A 31 11.94 10.37 -7.13
N VAL A 32 11.15 9.34 -7.40
CA VAL A 32 11.48 8.38 -8.46
C VAL A 32 10.43 8.29 -9.56
N GLY A 33 9.60 9.33 -9.69
CA GLY A 33 8.57 9.36 -10.72
C GLY A 33 7.66 8.16 -10.63
N THR A 34 7.46 7.51 -11.77
CA THR A 34 6.70 6.27 -11.80
C THR A 34 7.60 5.12 -12.21
N ALA A 35 8.89 5.36 -12.22
CA ALA A 35 9.80 4.29 -12.54
C ALA A 35 10.05 3.45 -11.28
N VAL A 36 9.13 2.52 -11.10
CA VAL A 36 9.15 1.57 -9.99
C VAL A 36 8.57 0.23 -10.43
N ALA A 37 9.19 -0.84 -9.97
CA ALA A 37 8.73 -2.17 -10.29
C ALA A 37 8.55 -2.99 -9.00
N TRP A 38 7.64 -3.94 -9.05
CA TRP A 38 7.39 -4.84 -7.92
C TRP A 38 7.62 -6.27 -8.40
N TYR A 39 8.33 -7.06 -7.60
CA TYR A 39 8.64 -8.45 -7.93
C TYR A 39 8.21 -9.44 -6.84
N GLN A 40 7.96 -10.67 -7.27
CA GLN A 40 7.58 -11.75 -6.37
C GLN A 40 8.71 -12.79 -6.47
N GLN A 41 9.17 -13.28 -5.32
CA GLN A 41 10.22 -14.29 -5.31
C GLN A 41 9.89 -15.38 -4.30
N LYS A 42 9.79 -16.61 -4.78
CA LYS A 42 9.52 -17.79 -3.94
C LYS A 42 10.88 -18.39 -3.66
N PRO A 43 11.00 -19.19 -2.60
CA PRO A 43 12.29 -19.82 -2.27
C PRO A 43 12.79 -20.74 -3.39
N GLY A 44 14.08 -20.66 -3.70
CA GLY A 44 14.61 -21.50 -4.74
C GLY A 44 14.24 -21.09 -6.15
N GLN A 45 13.69 -19.89 -6.27
CA GLN A 45 13.28 -19.39 -7.57
C GLN A 45 13.85 -17.98 -7.76
N SER A 46 13.54 -17.36 -8.88
CA SER A 46 14.04 -16.03 -9.11
C SER A 46 12.86 -15.06 -9.26
N PRO A 47 13.11 -13.78 -8.95
CA PRO A 47 12.07 -12.77 -9.06
C PRO A 47 11.24 -12.87 -10.34
N LYS A 48 9.93 -12.66 -10.19
CA LYS A 48 8.99 -12.67 -11.30
C LYS A 48 8.33 -11.28 -11.27
N LEU A 49 8.54 -10.49 -12.32
CA LEU A 49 7.99 -9.12 -12.45
C LEU A 49 6.47 -9.10 -12.37
N LEU A 50 5.90 -8.25 -11.51
CA LEU A 50 4.43 -8.15 -11.35
C LEU A 50 3.88 -6.82 -11.85
N ILE A 51 4.58 -5.75 -11.50
CA ILE A 51 4.16 -4.41 -11.88
C ILE A 51 5.40 -3.61 -12.27
N TYR A 52 5.23 -2.67 -13.20
CA TYR A 52 6.31 -1.80 -13.61
C TYR A 52 5.73 -0.42 -13.94
N TRP A 53 6.57 0.59 -14.06
CA TRP A 53 6.09 1.95 -14.28
C TRP A 53 5.07 2.21 -13.20
N ALA A 54 5.38 1.64 -12.02
CA ALA A 54 4.58 1.77 -10.81
C ALA A 54 3.16 1.19 -10.84
N SER A 55 2.46 1.27 -11.96
CA SER A 55 1.09 0.76 -11.96
C SER A 55 0.65 -0.11 -13.13
N THR A 56 1.57 -0.49 -14.00
CA THR A 56 1.19 -1.35 -15.12
C THR A 56 1.46 -2.79 -14.72
N ARG A 57 0.40 -3.59 -14.75
CA ARG A 57 0.47 -5.00 -14.41
C ARG A 57 1.13 -5.72 -15.57
N HIS A 58 2.15 -6.51 -15.28
CA HIS A 58 2.88 -7.26 -16.31
C HIS A 58 1.98 -8.35 -16.88
N THR A 59 2.25 -8.72 -18.13
CA THR A 59 1.46 -9.73 -18.80
C THR A 59 1.40 -11.05 -18.04
N GLY A 60 0.21 -11.62 -17.90
CA GLY A 60 0.09 -12.90 -17.21
C GLY A 60 -0.15 -12.82 -15.71
N VAL A 61 0.18 -11.69 -15.11
CA VAL A 61 -0.02 -11.50 -13.68
C VAL A 61 -1.52 -11.31 -13.42
N PRO A 62 -2.07 -12.08 -12.45
CA PRO A 62 -3.49 -12.03 -12.08
C PRO A 62 -3.95 -10.70 -11.46
N ASP A 63 -5.17 -10.29 -11.81
CA ASP A 63 -5.76 -9.04 -11.33
C ASP A 63 -5.59 -8.74 -9.84
N ARG A 64 -5.48 -9.79 -9.03
CA ARG A 64 -5.29 -9.68 -7.59
C ARG A 64 -4.27 -8.60 -7.27
N PHE A 65 -3.25 -8.52 -8.11
CA PHE A 65 -2.17 -7.58 -7.91
C PHE A 65 -2.36 -6.23 -8.58
N THR A 66 -2.13 -5.18 -7.81
CA THR A 66 -2.28 -3.84 -8.32
C THR A 66 -1.22 -2.94 -7.74
N GLY A 67 -0.68 -2.07 -8.59
CA GLY A 67 0.34 -1.15 -8.15
C GLY A 67 -0.15 0.28 -8.26
N SER A 68 0.44 1.17 -7.49
CA SER A 68 0.04 2.58 -7.51
C SER A 68 1.07 3.47 -6.83
N GLY A 69 0.96 4.77 -7.06
CA GLY A 69 1.86 5.74 -6.47
C GLY A 69 2.69 6.46 -7.50
N SER A 70 3.19 7.63 -7.14
CA SER A 70 4.05 8.41 -8.02
C SER A 70 4.93 9.32 -7.19
N GLY A 71 6.21 9.34 -7.52
CA GLY A 71 7.13 10.19 -6.81
C GLY A 71 7.89 9.65 -5.63
N THR A 72 7.18 9.23 -4.58
CA THR A 72 7.86 8.80 -3.37
C THR A 72 7.24 7.62 -2.59
N ASP A 73 5.92 7.49 -2.66
CA ASP A 73 5.22 6.45 -1.94
C ASP A 73 4.61 5.44 -2.89
N PHE A 74 5.11 4.21 -2.87
CA PHE A 74 4.62 3.17 -3.76
C PHE A 74 3.93 2.03 -3.02
N THR A 75 2.85 1.56 -3.62
CA THR A 75 2.06 0.51 -3.00
C THR A 75 1.69 -0.61 -3.95
N LEU A 76 1.76 -1.84 -3.42
CA LEU A 76 1.42 -3.09 -4.13
C LEU A 76 0.32 -3.68 -3.26
N THR A 77 -0.86 -3.86 -3.84
CA THR A 77 -1.98 -4.41 -3.10
C THR A 77 -2.45 -5.72 -3.73
N ILE A 78 -2.76 -6.70 -2.89
CA ILE A 78 -3.31 -7.99 -3.36
C ILE A 78 -4.74 -8.03 -2.79
N SER A 79 -5.74 -7.91 -3.66
CA SER A 79 -7.13 -7.89 -3.20
C SER A 79 -7.58 -9.11 -2.36
N ASN A 80 -7.41 -10.32 -2.90
CA ASN A 80 -7.78 -11.55 -2.17
C ASN A 80 -6.59 -12.49 -2.16
N VAL A 81 -5.72 -12.35 -1.17
CA VAL A 81 -4.55 -13.21 -1.09
C VAL A 81 -4.85 -14.69 -1.26
N GLN A 82 -4.03 -15.35 -2.09
CA GLN A 82 -4.19 -16.79 -2.33
C GLN A 82 -2.93 -17.48 -1.77
N SER A 83 -2.98 -18.80 -1.60
CA SER A 83 -1.84 -19.54 -1.07
C SER A 83 -0.58 -19.29 -1.89
N GLU A 84 -0.70 -19.48 -3.20
CA GLU A 84 0.41 -19.28 -4.11
C GLU A 84 0.97 -17.88 -4.04
N ASP A 85 0.30 -17.00 -3.30
CA ASP A 85 0.77 -15.62 -3.18
C ASP A 85 1.74 -15.47 -2.03
N LEU A 86 1.72 -16.46 -1.14
CA LEU A 86 2.63 -16.41 -0.01
C LEU A 86 4.02 -16.53 -0.59
N ALA A 87 4.67 -15.36 -0.52
CA ALA A 87 6.02 -15.19 -1.01
C ALA A 87 6.62 -13.89 -0.55
N ASP A 88 7.89 -13.72 -1.11
CA ASP A 88 8.63 -12.48 -0.89
C ASP A 88 8.21 -11.50 -1.98
N TYR A 89 8.17 -10.22 -1.64
CA TYR A 89 7.81 -9.18 -2.61
C TYR A 89 8.77 -8.06 -2.32
N PHE A 90 9.28 -7.42 -3.36
CA PHE A 90 10.16 -6.28 -3.18
C PHE A 90 9.95 -5.30 -4.32
N CYS A 91 10.27 -4.05 -4.06
CA CYS A 91 10.10 -3.02 -5.06
C CYS A 91 11.46 -2.64 -5.59
N GLN A 92 11.44 -2.16 -6.82
CA GLN A 92 12.64 -1.72 -7.49
C GLN A 92 12.43 -0.35 -8.07
N GLN A 93 13.49 0.44 -7.96
CA GLN A 93 13.56 1.80 -8.44
C GLN A 93 14.57 1.83 -9.61
N TYR A 94 14.13 2.30 -10.77
CA TYR A 94 15.02 2.40 -11.92
C TYR A 94 15.00 3.81 -12.51
N SER A 95 14.86 4.81 -11.64
CA SER A 95 14.82 6.22 -12.04
C SER A 95 16.23 6.78 -12.24
N SER A 96 17.17 6.34 -11.39
CA SER A 96 18.55 6.78 -11.52
C SER A 96 19.51 5.79 -10.88
N TYR A 97 20.79 5.96 -11.19
CA TYR A 97 21.83 5.08 -10.65
C TYR A 97 22.38 5.51 -9.30
N PRO A 98 22.73 4.52 -8.45
CA PRO A 98 22.58 3.09 -8.76
C PRO A 98 21.15 2.63 -8.58
N LEU A 99 20.73 1.60 -9.33
CA LEU A 99 19.38 1.07 -9.20
C LEU A 99 19.35 0.50 -7.80
N THR A 100 18.27 0.72 -7.07
CA THR A 100 18.19 0.20 -5.71
C THR A 100 16.91 -0.60 -5.52
N PHE A 101 16.87 -1.40 -4.46
CA PHE A 101 15.72 -2.24 -4.14
C PHE A 101 15.27 -2.07 -2.70
N GLY A 102 14.00 -2.37 -2.45
CA GLY A 102 13.52 -2.34 -1.09
C GLY A 102 13.99 -3.65 -0.46
N ALA A 103 14.37 -3.64 0.82
CA ALA A 103 14.85 -4.85 1.48
C ALA A 103 13.91 -6.07 1.39
N GLY A 104 12.69 -5.88 0.92
CA GLY A 104 11.78 -7.00 0.74
C GLY A 104 10.76 -7.20 1.85
N THR A 105 9.69 -7.94 1.56
CA THR A 105 8.64 -8.24 2.53
C THR A 105 8.19 -9.70 2.41
N LYS A 106 8.30 -10.46 3.48
CA LYS A 106 7.86 -11.85 3.40
C LYS A 106 6.41 -11.97 3.82
N LEU A 107 5.57 -12.41 2.90
CA LEU A 107 4.15 -12.57 3.16
C LEU A 107 3.93 -14.02 3.55
N GLU A 108 3.51 -14.23 4.79
CA GLU A 108 3.27 -15.57 5.34
C GLU A 108 1.95 -15.65 6.12
N LEU A 109 1.72 -16.79 6.77
CA LEU A 109 0.50 -16.99 7.56
C LEU A 109 0.73 -16.63 9.04
N LYS A 110 1.95 -16.79 9.52
CA LYS A 110 2.30 -16.45 10.90
C LYS A 110 3.77 -16.02 10.98
N ARG A 111 4.18 -15.48 12.03
N GLN A 132 8.99 -27.01 1.26
CA GLN A 132 9.04 -27.89 0.05
C GLN A 132 10.47 -28.32 -0.27
N VAL A 133 10.61 -29.47 -0.94
CA VAL A 133 11.93 -29.97 -1.32
C VAL A 133 12.61 -29.02 -2.27
N GLN A 134 13.87 -28.69 -1.95
CA GLN A 134 14.69 -27.80 -2.76
C GLN A 134 16.10 -28.41 -2.84
N LEU A 135 16.55 -28.67 -4.07
CA LEU A 135 17.86 -29.25 -4.29
C LEU A 135 18.60 -28.53 -5.41
N GLN A 136 19.73 -27.92 -5.10
CA GLN A 136 20.53 -27.19 -6.08
C GLN A 136 19.72 -26.14 -6.83
N GLU A 137 19.19 -25.16 -6.10
CA GLU A 137 18.38 -24.07 -6.68
C GLU A 137 18.82 -22.72 -6.11
N PRO A 138 19.83 -22.07 -6.73
CA PRO A 138 20.55 -22.51 -7.93
C PRO A 138 21.79 -23.36 -7.59
N GLY A 139 22.49 -23.80 -8.62
CA GLY A 139 23.71 -24.55 -8.41
C GLY A 139 24.72 -23.48 -8.16
N GLY A 140 26.00 -23.84 -8.08
CA GLY A 140 26.99 -22.81 -7.83
C GLY A 140 28.35 -23.42 -7.57
N GLU A 141 29.24 -22.62 -7.01
CA GLU A 141 30.59 -23.07 -6.73
C GLU A 141 31.07 -22.60 -5.39
N LEU A 142 32.04 -23.32 -4.85
CA LEU A 142 32.62 -23.02 -3.57
C LEU A 142 34.07 -22.72 -3.91
N VAL A 143 34.47 -21.49 -3.65
CA VAL A 143 35.82 -21.04 -3.93
C VAL A 143 36.54 -20.65 -2.65
N ARG A 144 37.81 -20.27 -2.78
CA ARG A 144 38.61 -19.91 -1.62
C ARG A 144 38.81 -18.41 -1.43
N PRO A 145 38.90 -17.96 -0.17
CA PRO A 145 39.11 -16.55 0.15
C PRO A 145 40.31 -16.00 -0.59
N GLY A 146 40.21 -14.75 -1.02
CA GLY A 146 41.32 -14.12 -1.72
C GLY A 146 41.40 -14.53 -3.16
N ALA A 147 40.66 -15.57 -3.53
CA ALA A 147 40.67 -16.03 -4.91
C ALA A 147 39.81 -15.12 -5.76
N SER A 148 39.57 -15.53 -6.99
CA SER A 148 38.76 -14.76 -7.91
C SER A 148 37.80 -15.71 -8.60
N VAL A 149 36.64 -15.21 -9.00
CA VAL A 149 35.67 -16.05 -9.68
C VAL A 149 35.02 -15.31 -10.88
N LYS A 150 34.73 -16.05 -11.95
CA LYS A 150 34.12 -15.45 -13.13
C LYS A 150 32.79 -16.17 -13.42
N LEU A 151 31.69 -15.49 -13.11
CA LEU A 151 30.36 -16.03 -13.29
C LEU A 151 29.81 -15.84 -14.69
N SER A 152 29.09 -16.83 -15.20
CA SER A 152 28.54 -16.72 -16.55
C SER A 152 27.04 -16.51 -16.57
N CYS A 153 26.57 -15.95 -17.67
CA CYS A 153 25.16 -15.66 -17.87
C CYS A 153 24.86 -15.76 -19.36
N LYS A 154 24.63 -16.99 -19.78
CA LYS A 154 24.31 -17.32 -21.15
C LYS A 154 22.89 -16.86 -21.49
N ALA A 155 22.73 -16.19 -22.63
CA ALA A 155 21.41 -15.73 -23.06
C ALA A 155 20.98 -16.53 -24.31
N SER A 156 19.67 -16.73 -24.48
CA SER A 156 19.11 -17.47 -25.61
C SER A 156 17.70 -16.99 -25.95
N GLY A 157 17.32 -17.13 -27.21
CA GLY A 157 15.95 -16.78 -27.59
C GLY A 157 15.58 -15.34 -27.87
N TYR A 158 16.54 -14.43 -27.77
CA TYR A 158 16.26 -13.04 -28.05
C TYR A 158 17.56 -12.43 -28.52
N THR A 159 17.50 -11.22 -29.06
CA THR A 159 18.71 -10.57 -29.55
C THR A 159 19.52 -10.00 -28.38
N PHE A 160 20.52 -10.78 -27.97
CA PHE A 160 21.42 -10.45 -26.88
C PHE A 160 21.87 -9.00 -26.85
N THR A 161 22.28 -8.47 -27.99
CA THR A 161 22.78 -7.10 -28.07
C THR A 161 21.78 -5.98 -27.85
N SER A 162 20.49 -6.29 -27.79
CA SER A 162 19.48 -5.27 -27.64
C SER A 162 18.92 -5.00 -26.24
N TYR A 163 19.48 -5.62 -25.22
CA TYR A 163 18.96 -5.38 -23.87
C TYR A 163 20.05 -5.37 -22.83
N TRP A 164 20.01 -4.38 -21.95
CA TRP A 164 20.99 -4.29 -20.89
C TRP A 164 20.97 -5.56 -20.04
N ILE A 165 22.12 -5.93 -19.52
CA ILE A 165 22.17 -7.06 -18.62
C ILE A 165 22.65 -6.51 -17.30
N ASN A 166 21.85 -6.75 -16.25
CA ASN A 166 22.17 -6.31 -14.90
C ASN A 166 22.63 -7.48 -14.05
N TRP A 167 23.39 -7.20 -13.01
CA TRP A 167 23.84 -8.22 -12.08
C TRP A 167 23.43 -7.79 -10.68
N VAL A 168 22.86 -8.75 -9.92
CA VAL A 168 22.35 -8.50 -8.58
C VAL A 168 22.83 -9.53 -7.55
N LYS A 169 23.20 -9.04 -6.37
CA LYS A 169 23.67 -9.89 -5.29
C LYS A 169 22.55 -10.12 -4.28
N GLN A 170 22.32 -11.37 -3.87
CA GLN A 170 21.29 -11.67 -2.91
C GLN A 170 21.78 -12.59 -1.81
N ARG A 171 21.86 -12.04 -0.60
CA ARG A 171 22.20 -12.83 0.55
C ARG A 171 20.89 -13.18 1.27
N PRO A 172 20.83 -14.20 1.82
CA PRO A 172 19.65 -14.85 2.49
C PRO A 172 18.71 -14.05 3.36
N GLY A 173 19.15 -13.24 4.22
CA GLY A 173 18.17 -12.58 4.88
C GLY A 173 18.27 -11.09 4.66
N GLN A 174 18.91 -10.63 3.58
CA GLN A 174 19.05 -9.18 3.39
C GLN A 174 18.52 -8.69 2.04
N GLY A 175 18.55 -7.35 1.90
CA GLY A 175 18.00 -6.75 0.70
C GLY A 175 18.86 -6.87 -0.53
N LEU A 176 18.20 -7.04 -1.67
CA LEU A 176 18.91 -7.18 -2.93
C LEU A 176 19.76 -5.96 -3.25
N GLU A 177 20.95 -6.21 -3.76
CA GLU A 177 21.89 -5.15 -4.14
C GLU A 177 22.16 -5.23 -5.65
N TRP A 178 22.18 -4.08 -6.31
CA TRP A 178 22.44 -4.02 -7.73
C TRP A 178 23.92 -3.73 -7.85
N ILE A 179 24.62 -4.57 -8.61
CA ILE A 179 26.06 -4.44 -8.81
C ILE A 179 26.38 -3.48 -9.96
N GLY A 180 25.72 -3.69 -11.10
CA GLY A 180 25.91 -2.84 -12.24
C GLY A 180 25.23 -3.46 -13.44
N ASN A 181 25.31 -2.79 -14.57
CA ASN A 181 24.75 -3.34 -15.79
C ASN A 181 25.71 -3.11 -16.97
N ILE A 182 25.38 -3.67 -18.12
CA ILE A 182 26.20 -3.53 -19.29
C ILE A 182 25.31 -3.72 -20.50
N TYR A 183 25.51 -2.90 -21.53
CA TYR A 183 24.76 -2.99 -22.77
C TYR A 183 25.65 -3.88 -23.65
N PRO A 184 25.19 -5.09 -23.98
CA PRO A 184 26.03 -5.97 -24.80
C PRO A 184 26.48 -5.44 -26.16
N SER A 185 25.65 -4.58 -26.76
CA SER A 185 25.98 -4.04 -28.07
C SER A 185 27.34 -3.36 -28.12
N ASP A 186 27.59 -2.48 -27.16
CA ASP A 186 28.86 -1.77 -27.11
C ASP A 186 29.57 -1.98 -25.80
N SER A 187 29.04 -2.87 -24.97
CA SER A 187 29.63 -3.17 -23.65
C SER A 187 29.76 -1.95 -22.73
N TYR A 188 28.84 -1.01 -22.88
CA TYR A 188 28.83 0.17 -22.04
C TYR A 188 28.46 -0.32 -20.65
N THR A 189 29.17 0.12 -19.63
CA THR A 189 28.83 -0.36 -18.30
C THR A 189 28.62 0.72 -17.25
N ASN A 190 27.79 0.37 -16.26
CA ASN A 190 27.48 1.22 -15.11
C ASN A 190 27.79 0.39 -13.87
N TYR A 191 28.47 0.97 -12.89
CA TYR A 191 28.80 0.25 -11.67
C TYR A 191 28.26 0.93 -10.43
N ASN A 192 27.76 0.12 -9.51
CA ASN A 192 27.29 0.63 -8.24
C ASN A 192 28.63 0.89 -7.59
N GLN A 193 28.88 2.12 -7.18
CA GLN A 193 30.16 2.48 -6.57
C GLN A 193 30.63 1.46 -5.53
N LYS A 194 29.70 0.85 -4.81
CA LYS A 194 30.08 -0.13 -3.79
C LYS A 194 30.85 -1.32 -4.35
N PHE A 195 30.57 -1.69 -5.60
CA PHE A 195 31.22 -2.83 -6.22
C PHE A 195 32.30 -2.47 -7.24
N LYS A 196 32.50 -1.18 -7.44
CA LYS A 196 33.48 -0.67 -8.39
C LYS A 196 34.79 -1.47 -8.45
N ASP A 197 35.34 -1.80 -7.29
CA ASP A 197 36.61 -2.51 -7.22
C ASP A 197 36.52 -4.02 -7.00
N LYS A 198 35.32 -4.56 -7.00
CA LYS A 198 35.12 -5.98 -6.74
C LYS A 198 34.60 -6.71 -7.98
N ALA A 199 33.80 -6.02 -8.77
CA ALA A 199 33.19 -6.61 -9.93
C ALA A 199 33.62 -5.96 -11.21
N THR A 200 33.78 -6.76 -12.26
CA THR A 200 34.07 -6.18 -13.55
C THR A 200 33.19 -6.96 -14.51
N LEU A 201 32.40 -6.20 -15.26
CA LEU A 201 31.45 -6.73 -16.20
C LEU A 201 31.96 -6.79 -17.64
N THR A 202 31.69 -7.90 -18.32
CA THR A 202 32.08 -8.06 -19.73
C THR A 202 31.04 -8.94 -20.39
N VAL A 203 31.08 -9.02 -21.73
CA VAL A 203 30.17 -9.88 -22.48
C VAL A 203 30.93 -10.48 -23.65
N ASP A 204 30.37 -11.53 -24.24
CA ASP A 204 30.99 -12.18 -25.36
C ASP A 204 29.88 -12.35 -26.39
N LYS A 205 29.81 -11.42 -27.32
CA LYS A 205 28.80 -11.43 -28.37
C LYS A 205 28.70 -12.76 -29.13
N SER A 206 29.85 -13.37 -29.42
CA SER A 206 29.91 -14.64 -30.14
C SER A 206 29.07 -15.77 -29.54
N SER A 207 29.02 -15.87 -28.21
CA SER A 207 28.24 -16.91 -27.56
C SER A 207 27.07 -16.35 -26.72
N SER A 208 26.73 -15.09 -26.99
CA SER A 208 25.66 -14.41 -26.28
C SER A 208 25.75 -14.73 -24.79
N THR A 209 26.91 -14.49 -24.20
CA THR A 209 27.09 -14.76 -22.80
C THR A 209 27.74 -13.57 -22.09
N ALA A 210 27.11 -13.11 -21.02
CA ALA A 210 27.63 -11.99 -20.25
C ALA A 210 28.38 -12.60 -19.09
N TYR A 211 29.39 -11.91 -18.59
CA TYR A 211 30.17 -12.45 -17.46
C TYR A 211 30.39 -11.42 -16.39
N MET A 212 30.70 -11.88 -15.18
CA MET A 212 31.01 -10.99 -14.07
C MET A 212 32.14 -11.64 -13.29
N GLN A 213 33.27 -10.95 -13.21
CA GLN A 213 34.39 -11.46 -12.46
C GLN A 213 34.55 -10.71 -11.15
N LEU A 214 34.45 -11.43 -10.05
CA LEU A 214 34.64 -10.90 -8.71
C LEU A 214 36.07 -11.18 -8.28
N SER A 215 36.73 -10.18 -7.76
CA SER A 215 38.12 -10.32 -7.32
C SER A 215 38.28 -10.29 -5.81
N SER A 216 39.30 -11.02 -5.32
CA SER A 216 39.75 -11.01 -3.87
C SER A 216 38.62 -11.30 -2.91
N LEU A 217 38.00 -12.42 -3.15
CA LEU A 217 36.83 -12.92 -2.41
C LEU A 217 37.03 -13.05 -0.87
N THR A 218 36.00 -12.59 -0.17
CA THR A 218 35.90 -12.65 1.30
C THR A 218 34.62 -13.37 1.61
N SER A 219 34.40 -13.72 2.86
CA SER A 219 33.16 -14.44 3.20
C SER A 219 31.97 -13.55 2.87
N GLU A 220 32.20 -12.24 2.77
CA GLU A 220 31.13 -11.30 2.46
C GLU A 220 30.63 -11.41 1.03
N ASP A 221 31.40 -12.08 0.17
CA ASP A 221 31.01 -12.26 -1.23
C ASP A 221 30.16 -13.52 -1.43
N SER A 222 29.98 -14.30 -0.37
CA SER A 222 29.16 -15.50 -0.47
C SER A 222 27.72 -15.07 -0.68
N ALA A 223 27.15 -15.43 -1.82
CA ALA A 223 25.76 -15.07 -2.08
C ALA A 223 25.32 -15.63 -3.39
N VAL A 224 24.05 -15.40 -3.72
CA VAL A 224 23.56 -15.83 -5.01
C VAL A 224 23.68 -14.65 -5.94
N TYR A 225 24.32 -14.85 -7.10
CA TYR A 225 24.44 -13.76 -8.06
C TYR A 225 23.57 -13.99 -9.26
N PHE A 226 22.67 -13.04 -9.50
CA PHE A 226 21.72 -13.07 -10.61
C PHE A 226 22.12 -12.08 -11.70
N CYS A 227 21.73 -12.38 -12.93
CA CYS A 227 21.93 -11.46 -14.04
C CYS A 227 20.51 -11.32 -14.51
N ALA A 228 20.17 -10.14 -15.02
CA ALA A 228 18.80 -9.95 -15.42
C ALA A 228 18.57 -8.97 -16.55
N ARG A 229 17.61 -9.34 -17.38
CA ARG A 229 17.16 -8.60 -18.53
C ARG A 229 15.81 -8.05 -18.04
N TRP A 230 15.38 -6.91 -18.58
CA TRP A 230 14.11 -6.35 -18.15
C TRP A 230 13.03 -7.40 -18.35
N GLY A 231 12.49 -7.92 -17.26
CA GLY A 231 11.43 -8.91 -17.34
C GLY A 231 11.83 -10.37 -17.34
N TYR A 232 13.11 -10.65 -17.20
CA TYR A 232 13.61 -12.02 -17.17
C TYR A 232 14.83 -12.08 -16.29
N TRP A 233 14.70 -12.68 -15.12
CA TRP A 233 15.84 -12.82 -14.22
C TRP A 233 16.41 -14.21 -14.43
N GLY A 234 17.74 -14.32 -14.35
CA GLY A 234 18.34 -15.64 -14.50
C GLY A 234 18.08 -16.51 -13.28
N GLN A 235 18.57 -17.75 -13.30
CA GLN A 235 18.36 -18.61 -12.15
C GLN A 235 19.31 -18.25 -11.02
N GLY A 236 20.40 -17.57 -11.35
CA GLY A 236 21.36 -17.18 -10.34
C GLY A 236 22.44 -18.23 -10.13
N THR A 237 23.48 -17.87 -9.39
CA THR A 237 24.57 -18.79 -9.12
C THR A 237 25.08 -18.58 -7.70
N LEU A 238 25.17 -19.67 -6.94
CA LEU A 238 25.61 -19.60 -5.56
C LEU A 238 27.10 -19.57 -5.46
N VAL A 239 27.63 -18.45 -4.96
CA VAL A 239 29.06 -18.38 -4.79
C VAL A 239 29.33 -18.53 -3.32
N THR A 240 30.03 -19.60 -2.94
CA THR A 240 30.36 -19.80 -1.54
C THR A 240 31.85 -19.61 -1.36
N VAL A 241 32.21 -18.76 -0.41
CA VAL A 241 33.62 -18.49 -0.13
C VAL A 241 33.98 -19.06 1.22
N SER A 242 34.71 -20.17 1.22
CA SER A 242 35.13 -20.83 2.44
C SER A 242 36.63 -21.04 2.46
N ALA A 243 37.31 -20.45 3.32
N ASP B 4 -16.48 22.04 -4.70
CA ASP B 4 -16.28 20.81 -3.85
C ASP B 4 -14.93 20.90 -3.16
N ILE B 5 -14.96 20.76 -1.85
CA ILE B 5 -13.74 20.87 -1.07
C ILE B 5 -13.03 19.55 -0.98
N VAL B 6 -11.80 19.56 -1.50
CA VAL B 6 -10.97 18.37 -1.50
C VAL B 6 -10.03 18.46 -0.31
N LEU B 7 -9.94 17.36 0.44
CA LEU B 7 -9.04 17.32 1.57
C LEU B 7 -7.92 16.37 1.14
N THR B 8 -6.70 16.85 1.20
CA THR B 8 -5.58 16.03 0.79
C THR B 8 -4.63 15.66 1.91
N GLN B 9 -4.54 14.36 2.18
CA GLN B 9 -3.63 13.87 3.18
C GLN B 9 -2.51 13.34 2.31
N SER B 10 -1.38 14.03 2.39
CA SER B 10 -0.19 13.69 1.58
C SER B 10 0.32 12.27 1.70
N HIS B 11 0.55 11.78 2.92
CA HIS B 11 1.05 10.43 3.09
C HIS B 11 -0.01 9.39 3.46
N LYS B 12 -0.22 8.44 2.56
CA LYS B 12 -1.20 7.39 2.78
C LYS B 12 -0.82 6.48 3.96
N PHE B 13 0.46 6.49 4.33
CA PHE B 13 0.93 5.65 5.44
C PHE B 13 2.14 6.32 6.09
N MET B 14 2.31 6.12 7.40
CA MET B 14 3.44 6.69 8.15
C MET B 14 4.06 5.72 9.16
N SER B 15 5.39 5.64 9.16
CA SER B 15 6.10 4.77 10.09
C SER B 15 6.53 5.62 11.28
N THR B 16 6.58 5.00 12.44
CA THR B 16 6.96 5.71 13.66
C THR B 16 7.43 4.69 14.69
N SER B 17 7.67 5.14 15.90
CA SER B 17 8.11 4.24 16.96
C SER B 17 7.46 4.63 18.29
N VAL B 18 7.05 3.63 19.05
CA VAL B 18 6.41 3.85 20.34
C VAL B 18 7.22 4.85 21.15
N GLY B 19 6.55 5.89 21.63
CA GLY B 19 7.24 6.90 22.41
C GLY B 19 7.51 8.16 21.60
N ASP B 20 7.66 8.00 20.30
CA ASP B 20 7.93 9.14 19.44
C ASP B 20 6.66 9.95 19.19
N ARG B 21 6.88 11.13 18.63
CA ARG B 21 5.82 12.09 18.33
C ARG B 21 5.60 12.12 16.82
N VAL B 22 4.34 12.13 16.39
CA VAL B 22 4.04 12.16 14.97
C VAL B 22 3.07 13.28 14.60
N SER B 23 3.09 13.69 13.34
CA SER B 23 2.22 14.74 12.84
C SER B 23 1.61 14.29 11.52
N ILE B 24 0.30 14.16 11.47
CA ILE B 24 -0.36 13.75 10.25
C ILE B 24 -1.08 14.96 9.71
N THR B 25 -0.76 15.38 8.50
CA THR B 25 -1.39 16.58 7.96
C THR B 25 -2.53 16.37 6.99
N CYS B 26 -3.37 17.40 6.90
CA CYS B 26 -4.54 17.38 6.06
C CYS B 26 -4.75 18.78 5.50
N LYS B 27 -4.74 18.90 4.17
CA LYS B 27 -4.88 20.18 3.50
C LYS B 27 -6.16 20.32 2.67
N ALA B 28 -6.88 21.41 2.88
CA ALA B 28 -8.11 21.64 2.14
C ALA B 28 -7.78 22.51 0.95
N SER B 29 -8.55 22.33 -0.14
CA SER B 29 -8.36 23.10 -1.36
C SER B 29 -8.96 24.50 -1.23
N GLN B 30 -9.78 24.71 -0.21
CA GLN B 30 -10.44 26.00 0.05
C GLN B 30 -10.37 26.25 1.55
N ASP B 31 -10.56 27.50 1.95
CA ASP B 31 -10.54 27.86 3.36
C ASP B 31 -11.77 27.27 4.05
N VAL B 32 -11.55 26.49 5.11
CA VAL B 32 -12.67 25.89 5.85
C VAL B 32 -12.72 26.35 7.30
N GLY B 33 -11.97 27.38 7.64
CA GLY B 33 -11.97 27.90 8.99
C GLY B 33 -11.41 26.88 9.93
N THR B 34 -12.23 26.51 10.92
CA THR B 34 -11.82 25.50 11.89
C THR B 34 -12.81 24.39 11.90
N ALA B 35 -13.66 24.39 10.93
CA ALA B 35 -14.58 23.30 10.84
C ALA B 35 -13.83 22.14 10.18
N VAL B 36 -13.13 21.43 11.04
CA VAL B 36 -12.38 20.23 10.68
C VAL B 36 -12.42 19.25 11.85
N ALA B 37 -12.56 17.98 11.53
CA ALA B 37 -12.63 16.92 12.52
C ALA B 37 -11.62 15.85 12.18
N TRP B 38 -11.11 15.17 13.19
CA TRP B 38 -10.14 14.09 13.02
C TRP B 38 -10.72 12.80 13.57
N TYR B 39 -10.58 11.73 12.80
CA TYR B 39 -11.07 10.43 13.20
C TYR B 39 -9.96 9.39 13.24
N GLN B 40 -10.20 8.33 14.00
CA GLN B 40 -9.29 7.21 14.11
C GLN B 40 -10.11 5.98 13.73
N GLN B 41 -9.50 5.08 12.97
CA GLN B 41 -10.19 3.88 12.55
C GLN B 41 -9.27 2.66 12.58
N LYS B 42 -9.77 1.64 13.23
CA LYS B 42 -9.09 0.38 13.30
C LYS B 42 -9.89 -0.62 12.46
N PRO B 43 -9.26 -1.33 11.93
CA PRO B 43 -9.68 -2.41 11.00
C PRO B 43 -10.81 -3.31 11.40
N GLY B 44 -11.80 -3.22 10.59
CA GLY B 44 -13.02 -3.93 10.82
C GLY B 44 -13.95 -3.09 11.73
N GLN B 45 -13.35 -2.13 12.43
CA GLN B 45 -14.10 -1.27 13.36
C GLN B 45 -14.61 -0.01 12.64
N SER B 46 -15.44 0.77 13.34
CA SER B 46 -15.98 2.00 12.79
C SER B 46 -15.14 3.16 13.32
N PRO B 47 -15.12 4.32 12.61
CA PRO B 47 -14.36 5.50 13.01
C PRO B 47 -14.79 6.08 14.35
N LYS B 48 -13.84 6.68 15.06
CA LYS B 48 -14.08 7.27 16.37
C LYS B 48 -13.61 8.72 16.37
N LEU B 49 -14.48 9.63 16.78
CA LEU B 49 -14.14 11.06 16.80
C LEU B 49 -13.04 11.35 17.81
N LEU B 50 -12.02 12.06 17.37
CA LEU B 50 -10.89 12.42 18.23
C LEU B 50 -10.91 13.92 18.49
N ILE B 51 -11.07 14.68 17.42
CA ILE B 51 -11.06 16.12 17.52
C ILE B 51 -12.07 16.79 16.61
N TYR B 52 -12.63 17.90 17.10
CA TYR B 52 -13.59 18.68 16.31
C TYR B 52 -13.22 20.15 16.45
N TRP B 53 -13.72 20.97 15.52
CA TRP B 53 -13.38 22.40 15.49
C TRP B 53 -11.86 22.55 15.43
N ALA B 54 -11.23 21.55 14.82
CA ALA B 54 -9.80 21.55 14.62
C ALA B 54 -8.88 21.35 15.83
N SER B 55 -9.22 21.93 16.97
CA SER B 55 -8.32 21.82 18.11
C SER B 55 -8.95 21.26 19.36
N THR B 56 -10.27 21.20 19.38
CA THR B 56 -11.02 20.69 20.51
C THR B 56 -10.98 19.17 20.60
N ARG B 57 -10.42 18.64 21.67
CA ARG B 57 -10.37 17.19 21.84
C ARG B 57 -11.72 16.66 22.33
N HIS B 58 -12.15 15.53 21.78
CA HIS B 58 -13.45 14.94 22.14
C HIS B 58 -13.42 14.19 23.47
N THR B 59 -14.59 13.69 23.87
CA THR B 59 -14.78 12.96 25.12
C THR B 59 -14.14 11.58 25.15
N GLY B 60 -13.29 11.37 26.15
CA GLY B 60 -12.63 10.08 26.28
C GLY B 60 -11.34 9.92 25.48
N VAL B 61 -10.91 10.97 24.79
CA VAL B 61 -9.68 10.89 24.00
C VAL B 61 -8.50 11.29 24.88
N PRO B 62 -7.46 10.44 24.93
CA PRO B 62 -6.28 10.76 25.75
C PRO B 62 -5.65 12.06 25.25
N ASP B 63 -5.00 12.80 26.14
CA ASP B 63 -4.41 14.09 25.74
C ASP B 63 -3.21 14.01 24.82
N ARG B 64 -2.98 12.84 24.24
CA ARG B 64 -1.87 12.62 23.30
C ARG B 64 -2.18 13.31 21.97
N PHE B 65 -3.42 13.13 21.51
CA PHE B 65 -3.88 13.70 20.25
C PHE B 65 -4.17 15.18 20.43
N THR B 66 -3.63 15.98 19.52
CA THR B 66 -3.86 17.42 19.57
C THR B 66 -3.98 17.91 18.13
N GLY B 67 -5.12 18.52 17.82
CA GLY B 67 -5.35 19.03 16.48
C GLY B 67 -5.03 20.51 16.42
N SER B 68 -4.43 20.94 15.30
CA SER B 68 -4.08 22.34 15.12
C SER B 68 -4.35 22.84 13.68
N GLY B 69 -4.44 24.16 13.53
CA GLY B 69 -4.68 24.77 12.23
C GLY B 69 -6.05 25.41 12.00
N SER B 70 -6.16 26.14 10.89
CA SER B 70 -7.40 26.79 10.50
C SER B 70 -7.14 27.41 9.15
N GLY B 71 -8.12 27.34 8.26
CA GLY B 71 -7.95 27.88 6.94
C GLY B 71 -7.90 26.74 5.93
N THR B 72 -6.71 26.20 5.71
CA THR B 72 -6.54 25.10 4.78
C THR B 72 -5.60 24.02 5.30
N ASP B 73 -4.58 24.43 6.04
CA ASP B 73 -3.59 23.49 6.60
C ASP B 73 -3.93 23.06 8.02
N PHE B 74 -4.31 21.79 8.15
CA PHE B 74 -4.67 21.22 9.44
C PHE B 74 -3.72 20.09 9.79
N THR B 75 -3.35 20.02 11.06
CA THR B 75 -2.42 19.00 11.53
C THR B 75 -2.95 18.18 12.72
N LEU B 76 -2.63 16.90 12.73
CA LEU B 76 -3.01 16.04 13.84
C LEU B 76 -1.69 15.61 14.44
N THR B 77 -1.48 15.92 15.71
CA THR B 77 -0.25 15.52 16.35
C THR B 77 -0.56 14.45 17.38
N ILE B 78 0.36 13.51 17.54
CA ILE B 78 0.20 12.42 18.48
C ILE B 78 1.51 12.32 19.23
N SER B 79 1.47 12.59 20.53
CA SER B 79 2.67 12.52 21.34
C SER B 79 2.76 11.17 22.02
N ASN B 80 4.00 10.74 22.27
CA ASN B 80 4.25 9.47 22.91
C ASN B 80 3.33 8.35 22.40
N VAL B 81 3.38 8.14 21.09
CA VAL B 81 2.58 7.11 20.43
C VAL B 81 2.64 5.81 21.21
N GLN B 82 1.54 5.08 21.19
CA GLN B 82 1.44 3.81 21.88
C GLN B 82 0.94 2.77 20.88
N SER B 83 1.01 1.51 21.26
CA SER B 83 0.54 0.45 20.37
C SER B 83 -0.93 0.64 20.03
N GLU B 84 -1.73 1.12 20.99
CA GLU B 84 -3.15 1.24 20.67
C GLU B 84 -3.41 2.41 19.70
N ASP B 85 -2.36 3.17 19.41
CA ASP B 85 -2.46 4.34 18.52
C ASP B 85 -2.26 4.05 16.98
N LEU B 86 -1.82 2.97 16.59
CA LEU B 86 -1.57 2.56 15.19
C LEU B 86 -2.85 2.33 14.55
N ALA B 87 -3.09 3.23 13.74
CA ALA B 87 -4.32 3.12 13.12
C ALA B 87 -4.47 4.07 11.99
N ASP B 88 -5.66 4.07 11.49
CA ASP B 88 -5.97 4.94 10.40
C ASP B 88 -6.42 6.28 10.94
N TYR B 89 -5.92 7.34 10.34
CA TYR B 89 -6.29 8.69 10.75
C TYR B 89 -6.69 9.52 9.53
N PHE B 90 -7.91 10.05 9.58
CA PHE B 90 -8.39 10.88 8.50
C PHE B 90 -9.15 12.08 9.05
N CYS B 91 -9.09 13.17 8.31
CA CYS B 91 -9.75 14.40 8.70
C CYS B 91 -11.09 14.52 8.01
N GLN B 92 -11.83 15.53 8.40
CA GLN B 92 -13.14 15.77 7.82
C GLN B 92 -13.39 17.27 7.77
N GLN B 93 -14.21 17.69 6.82
CA GLN B 93 -14.54 19.09 6.69
C GLN B 93 -16.06 19.18 6.74
N TYR B 94 -16.57 19.98 7.66
CA TYR B 94 -18.01 20.16 7.73
C TYR B 94 -18.33 21.65 7.63
N SER B 95 -17.51 22.34 6.84
CA SER B 95 -17.67 23.76 6.62
C SER B 95 -18.83 23.96 5.67
N SER B 96 -18.96 23.05 4.71
CA SER B 96 -20.03 23.13 3.74
C SER B 96 -20.29 21.81 3.03
N TYR B 97 -21.51 21.67 2.52
CA TYR B 97 -21.91 20.48 1.80
C TYR B 97 -21.28 20.47 0.41
N PRO B 98 -20.96 19.27 -0.11
CA PRO B 98 -21.16 18.00 0.59
C PRO B 98 -19.99 17.87 1.54
N LEU B 99 -20.14 17.10 2.59
CA LEU B 99 -19.03 16.92 3.53
C LEU B 99 -18.01 16.04 2.80
N THR B 100 -16.73 16.24 3.09
CA THR B 100 -15.68 15.44 2.46
C THR B 100 -14.63 15.03 3.49
N PHE B 101 -13.97 13.89 3.25
CA PHE B 101 -12.95 13.40 4.17
C PHE B 101 -11.63 13.25 3.45
N GLY B 102 -10.55 13.32 4.22
CA GLY B 102 -9.23 13.10 3.65
C GLY B 102 -9.17 11.62 3.29
N ALA B 103 -8.19 11.23 2.48
CA ALA B 103 -8.05 9.84 2.06
C ALA B 103 -7.52 8.92 3.17
N GLY B 104 -6.98 9.52 4.22
CA GLY B 104 -6.49 8.74 5.35
C GLY B 104 -5.01 8.45 5.43
N THR B 105 -4.52 8.27 6.65
CA THR B 105 -3.12 7.97 6.87
C THR B 105 -3.00 6.82 7.88
N LYS B 106 -2.41 5.71 7.45
CA LYS B 106 -2.25 4.56 8.34
C LYS B 106 -0.95 4.74 9.12
N LEU B 107 -1.03 4.77 10.43
CA LEU B 107 0.14 4.91 11.28
C LEU B 107 0.57 3.50 11.70
N GLU B 108 1.80 3.12 11.38
CA GLU B 108 2.30 1.78 11.73
C GLU B 108 3.74 1.86 12.21
N LEU B 109 4.25 0.78 12.77
CA LEU B 109 5.63 0.77 13.27
C LEU B 109 6.59 0.68 12.09
N LYS B 110 7.79 1.22 12.25
CA LYS B 110 8.79 1.19 11.19
C LYS B 110 9.34 -0.23 10.94
N ARG B 111 10.08 -0.41 9.85
CA ARG B 111 10.65 -1.73 9.55
C ARG B 111 11.44 -2.27 10.76
N GLY B 112 12.24 -1.50 11.32
N VAL B 133 -7.82 -11.10 14.05
CA VAL B 133 -8.84 -12.21 14.08
C VAL B 133 -10.27 -11.68 14.07
N GLN B 134 -10.91 -11.65 12.92
CA GLN B 134 -12.27 -11.15 12.90
C GLN B 134 -13.27 -11.88 12.04
N LEU B 135 -14.53 -11.76 12.43
CA LEU B 135 -15.58 -12.46 11.74
C LEU B 135 -16.84 -11.62 11.59
N GLN B 136 -17.37 -11.60 10.38
CA GLN B 136 -18.59 -10.86 10.10
C GLN B 136 -18.51 -9.48 10.74
N GLU B 137 -17.49 -8.71 10.38
CA GLU B 137 -17.27 -7.36 10.91
C GLU B 137 -17.01 -6.31 9.85
N PRO B 138 -18.08 -5.70 9.30
CA PRO B 138 -19.49 -5.95 9.62
C PRO B 138 -20.07 -7.04 8.76
N GLY B 139 -21.29 -7.45 9.06
CA GLY B 139 -21.94 -8.46 8.26
C GLY B 139 -22.53 -7.69 7.10
N GLY B 140 -23.38 -8.32 6.31
CA GLY B 140 -23.98 -7.63 5.17
C GLY B 140 -24.64 -8.61 4.23
N GLU B 141 -24.83 -8.21 2.98
CA GLU B 141 -25.44 -9.10 2.03
C GLU B 141 -24.78 -9.05 0.66
N LEU B 142 -25.07 -10.07 -0.12
CA LEU B 142 -24.54 -10.20 -1.47
C LEU B 142 -25.74 -10.03 -2.37
N VAL B 143 -25.64 -9.11 -3.33
CA VAL B 143 -26.73 -8.82 -4.26
C VAL B 143 -26.27 -8.83 -5.70
N ARG B 144 -27.25 -8.80 -6.60
CA ARG B 144 -27.00 -8.83 -8.03
C ARG B 144 -27.02 -7.49 -8.76
N PRO B 145 -26.16 -7.32 -9.77
CA PRO B 145 -26.10 -6.08 -10.54
C PRO B 145 -27.48 -5.64 -11.03
N GLY B 146 -27.79 -4.36 -10.91
CA GLY B 146 -29.07 -3.88 -11.37
C GLY B 146 -30.07 -3.73 -10.23
N ALA B 147 -30.09 -4.72 -9.36
CA ALA B 147 -30.99 -4.73 -8.22
C ALA B 147 -30.74 -3.51 -7.32
N SER B 148 -31.63 -3.29 -6.37
CA SER B 148 -31.47 -2.20 -5.43
C SER B 148 -31.39 -2.78 -4.02
N VAL B 149 -30.76 -2.06 -3.11
CA VAL B 149 -30.66 -2.53 -1.72
C VAL B 149 -31.09 -1.43 -0.72
N LYS B 150 -31.76 -1.84 0.35
CA LYS B 150 -32.19 -0.90 1.38
C LYS B 150 -31.49 -1.28 2.68
N LEU B 151 -30.42 -0.54 3.00
CA LEU B 151 -29.62 -0.79 4.20
C LEU B 151 -30.29 -0.16 5.44
N SER B 152 -30.11 -0.76 6.62
CA SER B 152 -30.74 -0.21 7.82
C SER B 152 -29.77 0.42 8.81
N CYS B 153 -30.32 1.20 9.73
CA CYS B 153 -29.54 1.89 10.76
C CYS B 153 -30.48 2.10 11.94
N LYS B 154 -30.64 1.07 12.77
CA LYS B 154 -31.53 1.19 13.91
C LYS B 154 -30.86 1.97 15.04
N ALA B 155 -31.62 2.88 15.65
CA ALA B 155 -31.09 3.69 16.75
C ALA B 155 -31.89 3.49 18.04
N SER B 156 -31.24 3.72 19.16
CA SER B 156 -31.89 3.60 20.47
C SER B 156 -30.99 4.28 21.50
N GLY B 157 -31.53 4.55 22.68
CA GLY B 157 -30.74 5.18 23.73
C GLY B 157 -30.73 6.71 23.69
N TYR B 158 -31.41 7.30 22.73
CA TYR B 158 -31.44 8.76 22.63
C TYR B 158 -32.69 9.16 21.87
N THR B 159 -32.95 10.46 21.78
CA THR B 159 -34.11 10.94 21.06
C THR B 159 -33.79 10.92 19.57
N PHE B 160 -34.28 9.89 18.90
CA PHE B 160 -34.04 9.67 17.48
C PHE B 160 -34.29 10.82 16.51
N THR B 161 -35.39 11.53 16.72
CA THR B 161 -35.79 12.63 15.85
C THR B 161 -35.09 13.98 16.07
N SER B 162 -34.09 14.01 16.95
CA SER B 162 -33.36 15.25 17.23
C SER B 162 -31.93 15.35 16.70
N TYR B 163 -31.45 14.37 15.93
CA TYR B 163 -30.08 14.49 15.42
C TYR B 163 -29.91 14.06 13.97
N TRP B 164 -29.10 14.80 13.22
CA TRP B 164 -28.91 14.45 11.82
C TRP B 164 -28.21 13.07 11.70
N ILE B 165 -28.51 12.34 10.64
CA ILE B 165 -27.87 11.07 10.42
C ILE B 165 -27.18 11.06 9.06
N ASN B 166 -25.87 10.89 9.07
CA ASN B 166 -25.09 10.85 7.85
C ASN B 166 -24.98 9.41 7.34
N TRP B 167 -24.68 9.24 6.05
CA TRP B 167 -24.46 7.92 5.47
C TRP B 167 -23.16 8.11 4.72
N VAL B 168 -22.20 7.21 4.98
CA VAL B 168 -20.87 7.30 4.40
C VAL B 168 -20.42 6.01 3.75
N LYS B 169 -19.84 6.12 2.55
CA LYS B 169 -19.37 4.95 1.81
C LYS B 169 -17.88 4.74 1.97
N GLN B 170 -17.51 3.47 2.18
CA GLN B 170 -16.11 3.12 2.32
C GLN B 170 -15.78 1.88 1.48
N ARG B 171 -14.82 2.04 0.57
CA ARG B 171 -14.34 0.95 -0.27
C ARG B 171 -12.91 0.71 0.22
N PRO B 172 -12.46 -0.56 0.20
CA PRO B 172 -11.11 -0.89 0.66
C PRO B 172 -10.01 -0.02 0.03
N GLY B 173 -10.21 0.37 -1.22
CA GLY B 173 -9.22 1.20 -1.89
C GLY B 173 -9.25 2.70 -1.59
N GLN B 174 -10.31 3.37 -2.03
CA GLN B 174 -10.46 4.82 -1.85
C GLN B 174 -10.76 5.32 -0.45
N GLY B 175 -10.91 6.64 -0.35
CA GLY B 175 -11.21 7.29 0.91
C GLY B 175 -12.71 7.43 1.10
N LEU B 176 -13.12 7.67 2.35
CA LEU B 176 -14.53 7.83 2.70
C LEU B 176 -15.23 8.85 1.87
N GLU B 177 -16.50 8.55 1.56
CA GLU B 177 -17.33 9.42 0.77
C GLU B 177 -18.65 9.72 1.46
N TRP B 178 -18.97 10.99 1.59
CA TRP B 178 -20.21 11.39 2.23
C TRP B 178 -21.34 11.24 1.21
N ILE B 179 -22.39 10.49 1.55
CA ILE B 179 -23.53 10.30 0.63
C ILE B 179 -24.61 11.36 0.79
N GLY B 180 -24.92 11.67 2.04
CA GLY B 180 -25.92 12.67 2.32
C GLY B 180 -26.29 12.55 3.78
N ASN B 181 -27.31 13.29 4.19
CA ASN B 181 -27.78 13.21 5.57
C ASN B 181 -29.27 13.43 5.62
N ILE B 182 -29.85 13.09 6.77
CA ILE B 182 -31.27 13.22 6.94
C ILE B 182 -31.57 13.62 8.39
N TYR B 183 -32.71 14.28 8.59
CA TYR B 183 -33.13 14.70 9.93
C TYR B 183 -34.36 13.83 10.15
N PRO B 184 -34.23 12.78 10.97
CA PRO B 184 -35.36 11.87 11.20
C PRO B 184 -36.72 12.51 11.47
N SER B 185 -36.73 13.64 12.18
CA SER B 185 -37.99 14.30 12.53
C SER B 185 -38.90 14.60 11.35
N ASP B 186 -38.35 15.25 10.32
CA ASP B 186 -39.15 15.60 9.13
C ASP B 186 -38.64 14.96 7.83
N SER B 187 -37.51 14.25 7.92
CA SER B 187 -36.92 13.58 6.76
C SER B 187 -36.31 14.58 5.80
N TYR B 188 -35.97 15.76 6.31
CA TYR B 188 -35.32 16.75 5.48
C TYR B 188 -34.01 16.05 5.12
N THR B 189 -33.65 16.05 3.86
CA THR B 189 -32.43 15.37 3.43
C THR B 189 -31.51 16.23 2.59
N ASN B 190 -30.22 15.92 2.62
CA ASN B 190 -29.23 16.62 1.81
C ASN B 190 -28.40 15.53 1.13
N TYR B 191 -28.24 15.61 -0.18
CA TYR B 191 -27.47 14.59 -0.89
C TYR B 191 -26.20 15.11 -1.52
N ASN B 192 -25.20 14.25 -1.64
CA ASN B 192 -23.96 14.59 -2.33
C ASN B 192 -24.44 14.44 -3.79
N GLN B 193 -24.20 15.43 -4.64
CA GLN B 193 -24.69 15.32 -6.01
C GLN B 193 -24.20 14.04 -6.70
N LYS B 194 -23.03 13.57 -6.29
CA LYS B 194 -22.48 12.35 -6.88
C LYS B 194 -23.34 11.11 -6.61
N PHE B 195 -24.18 11.14 -5.59
CA PHE B 195 -25.03 10.00 -5.26
C PHE B 195 -26.52 10.26 -5.42
N LYS B 196 -26.90 11.48 -5.83
CA LYS B 196 -28.32 11.83 -5.97
C LYS B 196 -29.18 10.89 -6.79
N ASP B 197 -28.58 10.23 -7.77
CA ASP B 197 -29.31 9.28 -8.61
C ASP B 197 -29.15 7.83 -8.13
N LYS B 198 -28.35 7.64 -7.08
CA LYS B 198 -28.06 6.32 -6.54
C LYS B 198 -28.73 6.02 -5.20
N ALA B 199 -28.58 6.95 -4.25
CA ALA B 199 -29.10 6.82 -2.91
C ALA B 199 -30.35 7.60 -2.58
N THR B 200 -31.20 7.00 -1.74
CA THR B 200 -32.39 7.69 -1.30
C THR B 200 -32.58 7.37 0.18
N LEU B 201 -32.41 8.42 1.01
CA LEU B 201 -32.52 8.39 2.46
C LEU B 201 -33.93 8.60 2.99
N THR B 202 -34.35 7.75 3.91
CA THR B 202 -35.66 7.84 4.55
C THR B 202 -35.54 7.32 5.99
N VAL B 203 -36.60 7.44 6.77
CA VAL B 203 -36.57 6.92 8.13
C VAL B 203 -37.90 6.36 8.48
N ASP B 204 -37.90 5.52 9.51
CA ASP B 204 -39.13 4.93 10.02
C ASP B 204 -39.14 5.29 11.50
N LYS B 205 -39.81 6.39 11.82
CA LYS B 205 -39.88 6.87 13.20
C LYS B 205 -40.47 5.89 14.19
N SER B 206 -41.44 5.08 13.75
CA SER B 206 -42.06 4.12 14.66
C SER B 206 -41.04 3.10 15.16
N SER B 207 -40.00 2.84 14.37
CA SER B 207 -38.97 1.89 14.76
C SER B 207 -37.61 2.55 14.96
N SER B 208 -37.58 3.88 15.00
CA SER B 208 -36.34 4.62 15.18
C SER B 208 -35.24 4.08 14.29
N THR B 209 -35.60 3.84 13.03
CA THR B 209 -34.67 3.31 12.06
C THR B 209 -34.50 4.15 10.80
N ALA B 210 -33.26 4.52 10.52
CA ALA B 210 -32.93 5.29 9.31
C ALA B 210 -32.63 4.23 8.22
N TYR B 211 -33.01 4.54 6.98
CA TYR B 211 -32.79 3.65 5.84
C TYR B 211 -32.10 4.36 4.68
N MET B 212 -31.40 3.58 3.86
CA MET B 212 -30.75 4.14 2.68
C MET B 212 -30.89 3.15 1.56
N GLN B 213 -31.59 3.53 0.52
CA GLN B 213 -31.76 2.66 -0.60
C GLN B 213 -30.72 3.01 -1.66
N LEU B 214 -30.08 1.98 -2.20
CA LEU B 214 -29.09 2.10 -3.26
C LEU B 214 -29.72 1.39 -4.44
N SER B 215 -29.92 2.12 -5.51
CA SER B 215 -30.55 1.56 -6.71
C SER B 215 -29.48 1.22 -7.77
N SER B 216 -29.88 0.38 -8.74
CA SER B 216 -29.10 -0.02 -9.94
C SER B 216 -27.65 -0.45 -9.66
N LEU B 217 -27.44 -1.23 -8.68
CA LEU B 217 -26.09 -1.63 -8.21
C LEU B 217 -25.07 -2.11 -9.30
N THR B 218 -23.79 -1.73 -9.03
CA THR B 218 -22.65 -2.13 -9.88
C THR B 218 -21.56 -2.67 -8.94
N SER B 219 -20.41 -3.02 -9.50
CA SER B 219 -19.31 -3.52 -8.70
C SER B 219 -18.81 -2.35 -7.86
N GLU B 220 -18.91 -1.17 -8.45
CA GLU B 220 -18.45 0.05 -7.81
C GLU B 220 -19.21 0.35 -6.52
N ASP B 221 -20.42 -0.18 -6.38
CA ASP B 221 -21.26 0.04 -5.20
C ASP B 221 -20.86 -0.89 -4.05
N SER B 222 -20.07 -1.93 -4.34
CA SER B 222 -19.64 -2.85 -3.30
C SER B 222 -18.81 -2.08 -2.28
N ALA B 223 -19.26 -2.07 -1.03
CA ALA B 223 -18.52 -1.35 0.01
C ALA B 223 -19.17 -1.49 1.36
N VAL B 224 -18.54 -0.90 2.37
CA VAL B 224 -19.13 -0.91 3.69
C VAL B 224 -19.85 0.44 3.77
N TYR B 225 -21.13 0.40 4.16
CA TYR B 225 -21.90 1.62 4.29
C TYR B 225 -22.24 1.89 5.75
N PHE B 226 -21.77 3.02 6.24
CA PHE B 226 -22.00 3.43 7.62
C PHE B 226 -23.08 4.50 7.71
N CYS B 227 -23.78 4.55 8.83
CA CYS B 227 -24.72 5.65 9.06
C CYS B 227 -24.05 6.23 10.29
N ALA B 228 -24.09 7.54 10.44
CA ALA B 228 -23.46 8.11 11.60
C ALA B 228 -24.01 9.47 12.02
N ARG B 229 -24.16 9.60 13.34
CA ARG B 229 -24.63 10.82 13.98
C ARG B 229 -23.33 11.53 14.22
N TRP B 230 -23.39 12.81 14.51
CA TRP B 230 -22.16 13.53 14.82
C TRP B 230 -21.58 12.87 16.07
N GLY B 231 -20.34 12.38 15.97
CA GLY B 231 -19.71 11.77 17.12
C GLY B 231 -20.05 10.33 17.43
N TYR B 232 -20.92 9.70 16.63
CA TYR B 232 -21.24 8.30 16.89
C TYR B 232 -21.52 7.56 15.60
N TRP B 233 -20.54 6.78 15.16
CA TRP B 233 -20.67 6.01 13.93
C TRP B 233 -21.30 4.63 14.15
N GLY B 234 -22.05 4.14 13.15
CA GLY B 234 -22.66 2.83 13.26
C GLY B 234 -21.58 1.80 12.97
N GLN B 235 -21.91 0.53 12.96
CA GLN B 235 -20.89 -0.48 12.66
C GLN B 235 -20.75 -0.64 11.15
N GLY B 236 -21.74 -0.17 10.42
CA GLY B 236 -21.71 -0.28 8.97
C GLY B 236 -22.25 -1.62 8.52
N THR B 237 -22.46 -1.75 7.21
CA THR B 237 -22.93 -2.99 6.64
C THR B 237 -22.21 -3.20 5.32
N LEU B 238 -21.87 -4.46 5.02
CA LEU B 238 -21.14 -4.80 3.80
C LEU B 238 -22.06 -5.16 2.66
N VAL B 239 -21.98 -4.38 1.59
CA VAL B 239 -22.77 -4.63 0.39
C VAL B 239 -21.80 -5.18 -0.64
N THR B 240 -22.08 -6.38 -1.11
CA THR B 240 -21.22 -7.00 -2.10
C THR B 240 -22.05 -7.25 -3.34
N VAL B 241 -21.65 -6.62 -4.43
CA VAL B 241 -22.36 -6.78 -5.69
C VAL B 241 -21.54 -7.69 -6.58
N SER B 242 -22.12 -8.84 -6.94
CA SER B 242 -21.41 -9.78 -7.79
C SER B 242 -22.34 -10.49 -8.74
N ALA B 243 -21.95 -10.66 -9.92
C8 AIC C . 17.74 -4.26 -12.31
C5 AIC C . 16.12 -4.72 -14.10
C6 AIC C . 17.65 1.35 -17.00
N1 AIC C . 16.45 -2.54 -16.57
C2 AIC C . 18.41 1.63 -19.41
N3 AIC C . 18.03 -0.64 -18.52
C4 AIC C . 15.28 -4.27 -15.20
C1 AIC C . 17.34 2.86 -17.08
C3 AIC C . 16.07 -3.91 -16.38
C7 AIC C . 16.93 -3.80 -13.38
C9 AIC C . 17.74 -5.62 -11.96
C10 AIC C . 16.89 -6.52 -12.65
C11 AIC C . 16.12 -6.08 -13.74
C12 AIC C . 18.49 0.78 -18.20
C13 AIC C . 16.59 -0.85 -18.27
C14 AIC C . 16.97 -2.25 -17.85
C15 AIC C . 18.32 -1.80 -17.75
C16 AIC C . 18.38 1.05 -15.70
N2 AIC C . 14.50 -3.19 -14.78
O1 AIC C . 17.69 1.27 -20.37
O2 AIC C . 19.05 2.72 -19.48
O3 AIC C . 16.41 -4.80 -17.18
O4 AIC C . 19.34 -2.22 -17.18
S1 AIC C . 16.14 0.46 -17.12
S SO4 D . 8.75 -5.79 10.72
O1 SO4 D . 7.47 -4.93 11.25
O2 SO4 D . 9.41 -4.90 9.79
O3 SO4 D . 9.51 -6.14 11.71
O4 SO4 D . 8.12 -6.87 10.02
S SO4 E . 16.40 -5.79 6.84
O1 SO4 E . 15.40 -4.71 7.51
O2 SO4 E . 17.36 -4.98 6.15
O3 SO4 E . 16.93 -6.56 7.75
O4 SO4 E . 15.55 -6.47 5.88
#